data_5JVT
#
_entry.id   5JVT
#
_cell.length_a   191.845
_cell.length_b   191.845
_cell.length_c   87.556
_cell.angle_alpha   90.00
_cell.angle_beta   90.00
_cell.angle_gamma   120.00
#
_symmetry.space_group_name_H-M   'P 61 2 2'
#
loop_
_entity.id
_entity.type
_entity.pdbx_description
1 polymer 'Friend leukemia integration 1 transcription factor'
2 polymer "DNA (5'-D(*GP*AP*CP*CP*GP*GP*AP*AP*GP*TP*G)-3')"
3 polymer "DNA (5'-D(*CP*AP*CP*TP*TP*CP*CP*GP*GP*TP*C)-3')"
4 non-polymer 'PHOSPHATE ION'
5 non-polymer GLYCEROL
6 water water
#
loop_
_entity_poly.entity_id
_entity_poly.type
_entity_poly.pdbx_seq_one_letter_code
_entity_poly.pdbx_strand_id
1 'polypeptide(L)'
;GPHMPGSGQIQLWQFLLELLSDSANASCITWEGTNGEFKMTDPDEVARRWGERKSKPNMNYDKLSRALRYYYDKNIMTKV
HGKRYAYKFDFHGIAQALQPHPTE
;
A,D,G
2 'polydeoxyribonucleotide' (DG)(DA)(DC)(DC)(DG)(DG)(DA)(DA)(DG)(DT)(DG) B,E,H
3 'polydeoxyribonucleotide' (DC)(DA)(DC)(DT)(DT)(DC)(DC)(DG)(DG)(DT)(DC) C,F,I
#
# COMPACT_ATOMS: atom_id res chain seq x y z
N GLY A 8 -41.01 -8.59 4.49
CA GLY A 8 -42.22 -8.02 3.82
C GLY A 8 -42.43 -6.56 4.19
N GLN A 9 -42.79 -5.73 3.20
CA GLN A 9 -42.94 -4.25 3.31
C GLN A 9 -41.61 -3.46 3.35
N ILE A 10 -40.51 -4.16 3.59
CA ILE A 10 -39.26 -3.56 4.05
C ILE A 10 -38.39 -3.09 2.90
N GLN A 11 -37.80 -1.93 3.09
CA GLN A 11 -36.94 -1.31 2.09
C GLN A 11 -35.55 -1.91 2.20
N LEU A 12 -34.81 -1.95 1.08
CA LEU A 12 -33.48 -2.53 1.09
C LEU A 12 -32.52 -1.73 1.95
N TRP A 13 -32.64 -0.41 1.88
CA TRP A 13 -31.80 0.45 2.71
C TRP A 13 -32.04 0.19 4.19
N GLN A 14 -33.30 -0.04 4.57
CA GLN A 14 -33.66 -0.42 5.95
C GLN A 14 -33.08 -1.77 6.37
N PHE A 15 -33.24 -2.76 5.48
CA PHE A 15 -32.71 -4.10 5.69
C PHE A 15 -31.20 -4.11 5.97
N LEU A 16 -30.45 -3.28 5.25
CA LEU A 16 -29.00 -3.22 5.42
C LEU A 16 -28.62 -2.54 6.72
N LEU A 17 -29.34 -1.48 7.10
CA LEU A 17 -29.12 -0.86 8.40
C LEU A 17 -29.40 -1.83 9.52
N GLU A 18 -30.44 -2.64 9.34
CA GLU A 18 -30.81 -3.69 10.27
C GLU A 18 -29.61 -4.59 10.56
N LEU A 19 -29.03 -5.14 9.51
CA LEU A 19 -27.91 -6.06 9.66
C LEU A 19 -26.70 -5.38 10.28
N LEU A 20 -26.40 -4.17 9.80
CA LEU A 20 -25.28 -3.38 10.29
C LEU A 20 -25.40 -2.93 11.75
N SER A 21 -26.62 -2.80 12.25
CA SER A 21 -26.85 -2.36 13.62
C SER A 21 -26.39 -3.38 14.65
N ASP A 22 -26.37 -4.65 14.27
CA ASP A 22 -25.95 -5.75 15.15
C ASP A 22 -24.63 -6.30 14.64
N SER A 23 -23.57 -6.18 15.44
CA SER A 23 -22.22 -6.64 15.05
C SER A 23 -22.11 -8.17 14.92
N ALA A 24 -23.08 -8.89 15.48
CA ALA A 24 -23.28 -10.33 15.23
C ALA A 24 -23.30 -10.75 13.73
N ASN A 25 -23.72 -9.83 12.86
CA ASN A 25 -23.74 -10.07 11.42
C ASN A 25 -22.45 -9.69 10.68
N ALA A 26 -21.40 -9.36 11.43
CA ALA A 26 -20.10 -8.97 10.84
C ALA A 26 -19.59 -9.91 9.74
N SER A 27 -19.79 -11.21 9.93
CA SER A 27 -19.38 -12.23 8.95
C SER A 27 -20.00 -12.08 7.54
N CYS A 28 -21.11 -11.34 7.42
CA CYS A 28 -21.69 -11.02 6.10
C CYS A 28 -21.72 -9.52 5.72
N ILE A 29 -21.75 -8.62 6.70
CA ILE A 29 -21.77 -7.17 6.44
C ILE A 29 -21.32 -6.39 7.69
N THR A 30 -20.63 -5.27 7.49
CA THR A 30 -20.06 -4.50 8.61
C THR A 30 -19.67 -3.07 8.22
N TRP A 31 -19.81 -2.14 9.17
CA TRP A 31 -19.34 -0.76 8.98
C TRP A 31 -17.83 -0.80 8.87
N GLU A 32 -17.29 0.01 7.96
CA GLU A 32 -15.84 0.03 7.67
C GLU A 32 -15.49 1.32 6.95
N GLY A 33 -14.93 2.27 7.70
CA GLY A 33 -14.40 3.52 7.13
C GLY A 33 -15.07 4.77 7.68
N THR A 34 -15.26 5.76 6.81
CA THR A 34 -15.93 7.03 7.17
C THR A 34 -17.36 6.77 7.59
N ASN A 35 -17.94 7.77 8.26
CA ASN A 35 -19.37 7.82 8.54
C ASN A 35 -20.21 7.48 7.31
N GLY A 36 -20.94 6.37 7.39
CA GLY A 36 -21.72 5.86 6.27
C GLY A 36 -21.15 4.61 5.63
N GLU A 37 -19.83 4.54 5.51
CA GLU A 37 -19.18 3.46 4.77
C GLU A 37 -19.34 2.10 5.42
N PHE A 38 -19.81 1.15 4.63
CA PHE A 38 -19.85 -0.25 5.03
C PHE A 38 -19.40 -1.13 3.90
N LYS A 39 -19.10 -2.39 4.21
CA LYS A 39 -18.75 -3.37 3.18
C LYS A 39 -19.36 -4.74 3.47
N MET A 40 -19.71 -5.44 2.39
CA MET A 40 -20.27 -6.77 2.44
C MET A 40 -19.13 -7.77 2.43
N THR A 41 -18.86 -8.34 3.60
CA THR A 41 -17.86 -9.37 3.76
C THR A 41 -18.27 -10.67 3.05
N ASP A 42 -19.57 -10.96 3.00
CA ASP A 42 -20.13 -12.10 2.23
C ASP A 42 -21.40 -11.63 1.50
N PRO A 43 -21.23 -11.06 0.29
CA PRO A 43 -22.37 -10.51 -0.44
C PRO A 43 -23.42 -11.54 -0.91
N ASP A 44 -22.98 -12.77 -1.16
CA ASP A 44 -23.92 -13.85 -1.51
C ASP A 44 -24.87 -14.11 -0.34
N GLU A 45 -24.33 -14.13 0.87
CA GLU A 45 -25.12 -14.30 2.10
C GLU A 45 -26.04 -13.09 2.37
N VAL A 46 -25.52 -11.88 2.21
CA VAL A 46 -26.36 -10.69 2.33
C VAL A 46 -27.53 -10.83 1.39
N ALA A 47 -27.25 -11.11 0.11
CA ALA A 47 -28.31 -11.26 -0.89
C ALA A 47 -29.23 -12.43 -0.61
N ARG A 48 -28.69 -13.54 -0.10
CA ARG A 48 -29.51 -14.70 0.26
C ARG A 48 -30.55 -14.34 1.31
N ARG A 49 -30.14 -13.57 2.31
CA ARG A 49 -31.05 -13.13 3.37
C ARG A 49 -32.09 -12.13 2.88
N TRP A 50 -31.70 -11.28 1.94
CA TRP A 50 -32.60 -10.28 1.34
C TRP A 50 -33.70 -10.91 0.48
N GLY A 51 -33.36 -11.99 -0.21
CA GLY A 51 -34.35 -12.81 -0.90
C GLY A 51 -35.27 -13.50 0.07
N GLU A 52 -34.70 -14.07 1.13
CA GLU A 52 -35.44 -14.77 2.18
C GLU A 52 -36.48 -13.85 2.82
N ARG A 53 -36.04 -12.66 3.20
CA ARG A 53 -36.91 -11.63 3.78
C ARG A 53 -38.06 -11.26 2.87
N LYS A 54 -37.77 -11.12 1.58
CA LYS A 54 -38.76 -10.68 0.59
C LYS A 54 -39.52 -11.82 -0.10
N SER A 55 -39.29 -13.06 0.34
CA SER A 55 -39.79 -14.27 -0.34
C SER A 55 -39.54 -14.15 -1.84
N LYS A 56 -38.25 -14.28 -2.18
CA LYS A 56 -37.78 -14.06 -3.53
C LYS A 56 -36.47 -14.83 -3.71
N PRO A 57 -36.56 -16.17 -3.71
CA PRO A 57 -35.39 -17.03 -3.56
C PRO A 57 -34.37 -17.02 -4.70
N ASN A 58 -34.72 -16.45 -5.85
CA ASN A 58 -33.76 -16.20 -6.93
C ASN A 58 -32.92 -14.92 -6.76
N MET A 59 -32.85 -14.37 -5.55
CA MET A 59 -32.07 -13.16 -5.33
C MET A 59 -30.61 -13.53 -5.34
N ASN A 60 -29.78 -12.60 -5.85
CA ASN A 60 -28.33 -12.75 -5.90
C ASN A 60 -27.70 -11.38 -5.68
N TYR A 61 -26.37 -11.32 -5.69
CA TYR A 61 -25.68 -10.03 -5.54
C TYR A 61 -25.90 -9.10 -6.75
N ASP A 62 -25.86 -9.65 -7.96
CA ASP A 62 -26.07 -8.85 -9.18
C ASP A 62 -27.42 -8.11 -9.23
N LYS A 63 -28.45 -8.69 -8.64
CA LYS A 63 -29.77 -8.07 -8.59
C LYS A 63 -29.86 -7.08 -7.44
N LEU A 64 -29.43 -7.51 -6.27
CA LEU A 64 -29.34 -6.64 -5.08
C LEU A 64 -28.56 -5.37 -5.39
N SER A 65 -27.43 -5.52 -6.07
CA SER A 65 -26.60 -4.36 -6.38
C SER A 65 -27.27 -3.40 -7.35
N ARG A 66 -28.03 -3.90 -8.34
CA ARG A 66 -28.81 -2.98 -9.20
C ARG A 66 -29.76 -2.13 -8.37
N ALA A 67 -30.31 -2.73 -7.32
CA ALA A 67 -31.14 -2.00 -6.36
C ALA A 67 -30.33 -0.88 -5.71
N LEU A 68 -29.14 -1.22 -5.23
CA LEU A 68 -28.25 -0.21 -4.64
C LEU A 68 -27.95 0.89 -5.66
N ARG A 69 -27.55 0.49 -6.87
CA ARG A 69 -27.31 1.45 -7.94
C ARG A 69 -28.47 2.45 -8.21
N TYR A 70 -29.71 2.00 -8.01
CA TYR A 70 -30.85 2.90 -8.15
C TYR A 70 -30.90 3.95 -7.01
N TYR A 71 -30.32 3.63 -5.86
CA TYR A 71 -30.20 4.59 -4.76
C TYR A 71 -29.31 5.81 -5.04
N TYR A 72 -28.44 5.73 -6.06
CA TYR A 72 -27.49 6.81 -6.33
C TYR A 72 -28.20 8.10 -6.71
N ASP A 73 -29.10 8.04 -7.69
CA ASP A 73 -29.93 9.21 -8.05
C ASP A 73 -30.79 9.70 -6.90
N LYS A 74 -31.28 8.76 -6.08
CA LYS A 74 -32.07 9.10 -4.90
C LYS A 74 -31.28 9.69 -3.73
N ASN A 75 -29.96 9.83 -3.86
CA ASN A 75 -29.08 10.28 -2.77
C ASN A 75 -29.20 9.46 -1.49
N ILE A 76 -29.62 8.20 -1.59
CA ILE A 76 -29.72 7.33 -0.42
C ILE A 76 -28.34 6.72 -0.12
N MET A 77 -27.64 6.32 -1.18
CA MET A 77 -26.24 5.91 -1.02
C MET A 77 -25.43 6.12 -2.29
N THR A 78 -24.19 5.62 -2.26
CA THR A 78 -23.19 5.94 -3.26
C THR A 78 -22.08 4.90 -3.17
N LYS A 79 -21.39 4.61 -4.28
CA LYS A 79 -20.27 3.64 -4.26
C LYS A 79 -18.98 4.18 -3.68
N VAL A 80 -18.33 3.37 -2.87
CA VAL A 80 -16.95 3.61 -2.46
C VAL A 80 -16.08 3.08 -3.60
N HIS A 81 -15.44 4.00 -4.32
CA HIS A 81 -14.69 3.64 -5.51
C HIS A 81 -13.41 2.95 -5.12
N GLY A 82 -13.18 1.77 -5.68
CA GLY A 82 -11.93 1.06 -5.48
C GLY A 82 -12.01 -0.05 -4.45
N LYS A 83 -12.82 0.14 -3.41
CA LYS A 83 -13.10 -0.92 -2.44
C LYS A 83 -14.23 -1.77 -3.01
N ARG A 84 -14.06 -3.08 -2.97
CA ARG A 84 -14.98 -4.03 -3.57
C ARG A 84 -16.06 -4.41 -2.56
N TYR A 85 -17.31 -4.42 -3.00
CA TYR A 85 -18.49 -4.66 -2.17
C TYR A 85 -18.82 -3.55 -1.15
N ALA A 86 -18.14 -2.40 -1.26
CA ALA A 86 -18.29 -1.33 -0.27
C ALA A 86 -19.10 -0.18 -0.84
N TYR A 87 -20.07 0.27 -0.05
CA TYR A 87 -20.92 1.39 -0.39
C TYR A 87 -20.96 2.32 0.82
N LYS A 88 -21.60 3.46 0.67
CA LYS A 88 -21.67 4.49 1.72
C LYS A 88 -23.05 5.10 1.72
N PHE A 89 -23.81 4.88 2.80
CA PHE A 89 -25.08 5.56 3.03
C PHE A 89 -24.90 7.07 3.05
N ASP A 90 -25.92 7.78 2.56
CA ASP A 90 -25.89 9.24 2.45
C ASP A 90 -27.07 9.78 3.23
N PHE A 91 -26.81 10.57 4.27
CA PHE A 91 -27.89 11.10 5.12
C PHE A 91 -28.93 11.95 4.40
N HIS A 92 -28.55 12.64 3.32
CA HIS A 92 -29.48 13.48 2.57
C HIS A 92 -30.75 12.71 2.18
N GLY A 93 -30.55 11.57 1.52
CA GLY A 93 -31.66 10.75 1.04
C GLY A 93 -32.28 9.85 2.09
N ILE A 94 -31.48 9.37 3.04
CA ILE A 94 -32.01 8.58 4.15
C ILE A 94 -32.99 9.39 4.99
N ALA A 95 -32.63 10.61 5.33
CA ALA A 95 -33.53 11.50 6.06
C ALA A 95 -34.88 11.58 5.38
N GLN A 96 -34.88 11.79 4.06
CA GLN A 96 -36.10 11.85 3.26
C GLN A 96 -36.84 10.52 3.23
N ALA A 97 -36.10 9.45 3.00
CA ALA A 97 -36.68 8.10 3.01
C ALA A 97 -37.25 7.72 4.37
N LEU A 98 -36.72 8.31 5.44
CA LEU A 98 -37.15 8.04 6.80
C LEU A 98 -38.47 8.71 7.15
N GLN A 99 -38.89 9.71 6.38
CA GLN A 99 -40.13 10.46 6.63
C GLN A 99 -41.39 9.64 6.39
N PRO A 100 -42.51 10.05 7.01
CA PRO A 100 -43.68 9.20 6.99
C PRO A 100 -44.38 9.25 5.65
N HIS A 101 -45.18 8.22 5.38
CA HIS A 101 -45.80 8.01 4.09
C HIS A 101 -47.13 7.26 4.29
N PRO A 102 -48.12 7.51 3.41
CA PRO A 102 -49.53 7.18 3.67
C PRO A 102 -49.88 5.77 4.18
N THR A 103 -49.43 4.70 3.53
CA THR A 103 -49.95 3.33 3.80
C THR A 103 -51.39 3.14 3.25
N GLY D 8 21.56 -3.88 -20.57
CA GLY D 8 21.89 -5.27 -20.14
C GLY D 8 22.37 -5.32 -18.70
N GLN D 9 22.26 -6.51 -18.09
CA GLN D 9 22.70 -6.76 -16.70
C GLN D 9 21.84 -6.10 -15.59
N ILE D 10 20.93 -5.20 -15.96
CA ILE D 10 20.17 -4.42 -15.00
C ILE D 10 18.92 -5.18 -14.56
N GLN D 11 18.50 -4.92 -13.32
CA GLN D 11 17.27 -5.47 -12.77
C GLN D 11 16.11 -4.55 -13.20
N LEU D 12 14.90 -5.09 -13.33
CA LEU D 12 13.71 -4.26 -13.66
C LEU D 12 13.37 -3.28 -12.54
N TRP D 13 13.50 -3.74 -11.29
CA TRP D 13 13.26 -2.87 -10.13
C TRP D 13 14.26 -1.72 -10.02
N GLN D 14 15.51 -1.96 -10.40
CA GLN D 14 16.52 -0.91 -10.50
C GLN D 14 16.13 0.11 -11.56
N PHE D 15 15.71 -0.39 -12.72
CA PHE D 15 15.28 0.44 -13.84
C PHE D 15 14.11 1.37 -13.51
N LEU D 16 13.14 0.86 -12.76
CA LEU D 16 11.98 1.65 -12.37
C LEU D 16 12.33 2.73 -11.34
N LEU D 17 13.25 2.40 -10.44
CA LEU D 17 13.80 3.40 -9.50
C LEU D 17 14.58 4.50 -10.21
N GLU D 18 15.41 4.10 -11.18
CA GLU D 18 16.10 5.04 -12.07
C GLU D 18 15.12 6.05 -12.68
N LEU D 19 14.03 5.55 -13.25
CA LEU D 19 13.02 6.41 -13.88
C LEU D 19 12.33 7.35 -12.90
N LEU D 20 11.99 6.83 -11.72
CA LEU D 20 11.29 7.62 -10.71
C LEU D 20 12.11 8.75 -10.07
N SER D 21 13.44 8.61 -10.06
CA SER D 21 14.32 9.61 -9.44
C SER D 21 14.38 10.94 -10.21
N ASP D 22 14.46 10.85 -11.53
CA ASP D 22 14.36 12.03 -12.43
C ASP D 22 12.88 12.34 -12.68
N SER D 23 12.39 13.45 -12.11
CA SER D 23 10.98 13.83 -12.22
C SER D 23 10.52 14.30 -13.63
N ALA D 24 11.46 14.53 -14.55
CA ALA D 24 11.13 14.82 -15.96
C ALA D 24 10.46 13.64 -16.72
N ASN D 25 10.40 12.48 -16.08
CA ASN D 25 9.65 11.31 -16.57
C ASN D 25 8.20 11.21 -16.04
N ALA D 26 7.70 12.26 -15.39
CA ALA D 26 6.40 12.23 -14.69
C ALA D 26 5.21 11.78 -15.56
N SER D 27 5.20 12.18 -16.83
CA SER D 27 4.11 11.82 -17.75
C SER D 27 4.09 10.34 -18.16
N CYS D 28 5.17 9.60 -17.90
CA CYS D 28 5.19 8.13 -18.05
C CYS D 28 5.16 7.36 -16.72
N ILE D 29 5.89 7.83 -15.71
CA ILE D 29 5.89 7.21 -14.38
C ILE D 29 6.24 8.25 -13.29
N THR D 30 5.66 8.06 -12.10
CA THR D 30 5.89 8.98 -10.97
C THR D 30 5.42 8.39 -9.64
N TRP D 31 6.05 8.84 -8.56
CA TRP D 31 5.63 8.45 -7.21
C TRP D 31 4.22 8.96 -6.91
N GLU D 32 3.45 8.16 -6.17
CA GLU D 32 2.08 8.51 -5.83
C GLU D 32 1.60 7.67 -4.65
N GLY D 33 1.57 8.29 -3.46
CA GLY D 33 0.92 7.71 -2.27
C GLY D 33 1.89 7.46 -1.13
N THR D 34 1.66 6.39 -0.37
CA THR D 34 2.53 6.03 0.75
C THR D 34 3.92 5.58 0.29
N ASN D 35 4.86 5.63 1.22
CA ASN D 35 6.28 5.35 0.99
C ASN D 35 6.44 4.06 0.19
N GLY D 36 6.85 4.19 -1.07
CA GLY D 36 7.04 3.06 -1.98
C GLY D 36 6.06 2.96 -3.13
N GLU D 37 4.86 3.52 -2.97
CA GLU D 37 3.83 3.45 -4.02
C GLU D 37 4.19 4.35 -5.20
N PHE D 38 4.04 3.82 -6.39
CA PHE D 38 4.17 4.58 -7.64
C PHE D 38 3.13 4.09 -8.64
N LYS D 39 2.74 4.95 -9.57
CA LYS D 39 1.87 4.52 -10.68
C LYS D 39 2.46 4.88 -12.03
N MET D 40 2.19 4.02 -13.00
CA MET D 40 2.62 4.22 -14.37
C MET D 40 1.51 5.02 -15.06
N THR D 41 1.74 6.33 -15.16
CA THR D 41 0.80 7.23 -15.85
C THR D 41 0.65 6.87 -17.33
N ASP D 42 1.75 6.44 -17.96
CA ASP D 42 1.74 5.86 -19.32
C ASP D 42 2.45 4.48 -19.32
N PRO D 43 1.69 3.40 -19.00
CA PRO D 43 2.25 2.04 -18.88
C PRO D 43 2.97 1.54 -20.13
N ASP D 44 2.44 1.85 -21.30
CA ASP D 44 3.04 1.41 -22.56
C ASP D 44 4.42 2.02 -22.78
N GLU D 45 4.56 3.31 -22.46
CA GLU D 45 5.83 4.02 -22.59
C GLU D 45 6.95 3.38 -21.74
N VAL D 46 6.61 3.08 -20.48
CA VAL D 46 7.55 2.46 -19.54
C VAL D 46 8.06 1.12 -20.09
N ALA D 47 7.13 0.33 -20.61
CA ALA D 47 7.47 -0.94 -21.24
C ALA D 47 8.33 -0.75 -22.49
N ARG D 48 8.00 0.29 -23.27
CA ARG D 48 8.75 0.62 -24.47
C ARG D 48 10.22 0.93 -24.14
N ARG D 49 10.47 1.73 -23.11
CA ARG D 49 11.84 2.02 -22.68
C ARG D 49 12.53 0.81 -22.07
N TRP D 50 11.78 -0.02 -21.34
CA TRP D 50 12.31 -1.25 -20.75
C TRP D 50 12.68 -2.28 -21.83
N GLY D 51 11.94 -2.26 -22.94
CA GLY D 51 12.37 -2.95 -24.16
C GLY D 51 13.61 -2.35 -24.78
N GLU D 52 13.63 -1.02 -24.91
CA GLU D 52 14.77 -0.25 -25.45
C GLU D 52 16.07 -0.40 -24.64
N ARG D 53 15.94 -0.58 -23.32
CA ARG D 53 17.10 -0.84 -22.44
C ARG D 53 17.63 -2.27 -22.60
N LYS D 54 16.74 -3.23 -22.82
CA LYS D 54 17.11 -4.66 -22.81
C LYS D 54 17.26 -5.28 -24.20
N SER D 55 17.38 -4.43 -25.23
CA SER D 55 17.41 -4.86 -26.65
C SER D 55 16.26 -5.81 -26.99
N LYS D 56 15.08 -5.49 -26.47
CA LYS D 56 13.91 -6.35 -26.60
C LYS D 56 12.76 -5.53 -27.21
N PRO D 57 12.71 -5.45 -28.55
CA PRO D 57 11.74 -4.56 -29.18
C PRO D 57 10.28 -5.00 -29.12
N ASN D 58 10.00 -6.22 -28.63
CA ASN D 58 8.61 -6.71 -28.46
C ASN D 58 7.98 -6.45 -27.07
N MET D 59 8.72 -5.81 -26.17
CA MET D 59 8.28 -5.65 -24.80
C MET D 59 7.04 -4.74 -24.71
N ASN D 60 6.08 -5.16 -23.89
CA ASN D 60 4.81 -4.44 -23.66
C ASN D 60 4.45 -4.51 -22.17
N TYR D 61 3.38 -3.82 -21.77
CA TYR D 61 2.95 -3.84 -20.36
C TYR D 61 2.58 -5.25 -19.87
N ASP D 62 1.96 -6.04 -20.73
CA ASP D 62 1.53 -7.38 -20.34
C ASP D 62 2.69 -8.24 -19.84
N LYS D 63 3.80 -8.22 -20.57
CA LYS D 63 4.97 -9.00 -20.18
C LYS D 63 5.65 -8.35 -18.97
N LEU D 64 5.85 -7.03 -19.04
CA LEU D 64 6.48 -6.27 -17.95
C LEU D 64 5.81 -6.51 -16.61
N SER D 65 4.49 -6.48 -16.60
CA SER D 65 3.74 -6.72 -15.36
C SER D 65 4.01 -8.13 -14.84
N ARG D 66 4.06 -9.12 -15.73
CA ARG D 66 4.36 -10.50 -15.31
C ARG D 66 5.71 -10.59 -14.61
N ALA D 67 6.67 -9.78 -15.04
CA ALA D 67 7.94 -9.64 -14.33
C ALA D 67 7.72 -9.10 -12.93
N LEU D 68 6.87 -8.08 -12.81
CA LEU D 68 6.54 -7.51 -11.51
C LEU D 68 5.85 -8.52 -10.57
N ARG D 69 4.97 -9.37 -11.11
CA ARG D 69 4.31 -10.39 -10.27
C ARG D 69 5.25 -11.48 -9.72
N TYR D 70 6.36 -11.73 -10.42
CA TYR D 70 7.40 -12.59 -9.88
C TYR D 70 8.11 -11.97 -8.66
N TYR D 71 8.07 -10.64 -8.54
CA TYR D 71 8.57 -9.93 -7.35
C TYR D 71 7.73 -10.12 -6.08
N TYR D 72 6.50 -10.56 -6.22
CA TYR D 72 5.62 -10.72 -5.06
C TYR D 72 6.20 -11.75 -4.09
N ASP D 73 6.49 -12.95 -4.57
CA ASP D 73 7.09 -14.00 -3.75
C ASP D 73 8.48 -13.64 -3.23
N LYS D 74 9.21 -12.84 -4.01
CA LYS D 74 10.54 -12.39 -3.63
C LYS D 74 10.53 -11.17 -2.69
N ASN D 75 9.35 -10.66 -2.35
CA ASN D 75 9.17 -9.51 -1.44
C ASN D 75 9.85 -8.23 -1.91
N ILE D 76 10.05 -8.11 -3.21
CA ILE D 76 10.70 -6.94 -3.77
C ILE D 76 9.65 -5.85 -4.00
N MET D 77 8.44 -6.23 -4.39
CA MET D 77 7.32 -5.27 -4.44
C MET D 77 5.95 -5.94 -4.38
N THR D 78 4.92 -5.12 -4.39
CA THR D 78 3.54 -5.55 -4.14
C THR D 78 2.52 -4.66 -4.88
N LYS D 79 1.31 -5.18 -5.12
CA LYS D 79 0.27 -4.44 -5.88
C LYS D 79 -0.58 -3.52 -5.01
N VAL D 80 -0.80 -2.30 -5.48
CA VAL D 80 -1.85 -1.42 -4.94
C VAL D 80 -3.20 -1.93 -5.43
N HIS D 81 -4.05 -2.36 -4.51
CA HIS D 81 -5.34 -2.94 -4.87
C HIS D 81 -6.31 -1.83 -5.21
N GLY D 82 -6.75 -1.78 -6.47
CA GLY D 82 -7.76 -0.81 -6.92
C GLY D 82 -7.21 0.21 -7.89
N LYS D 83 -6.21 0.98 -7.46
CA LYS D 83 -5.62 2.04 -8.28
C LYS D 83 -4.72 1.43 -9.35
N ARG D 84 -5.13 1.54 -10.62
CA ARG D 84 -4.50 0.76 -11.69
C ARG D 84 -3.16 1.29 -12.22
N TYR D 85 -2.40 0.37 -12.80
CA TYR D 85 -1.01 0.57 -13.20
C TYR D 85 -0.12 0.99 -12.02
N ALA D 86 -0.47 0.58 -10.80
CA ALA D 86 0.20 1.08 -9.59
C ALA D 86 0.67 -0.01 -8.64
N TYR D 87 1.94 0.09 -8.24
CA TYR D 87 2.61 -0.88 -7.39
C TYR D 87 3.32 -0.16 -6.27
N LYS D 88 3.85 -0.94 -5.33
CA LYS D 88 4.58 -0.43 -4.17
C LYS D 88 5.83 -1.27 -3.96
N PHE D 89 7.00 -0.64 -3.98
CA PHE D 89 8.25 -1.32 -3.58
C PHE D 89 8.19 -1.75 -2.12
N ASP D 90 8.89 -2.84 -1.81
CA ASP D 90 8.92 -3.40 -0.45
C ASP D 90 10.37 -3.53 0.01
N PHE D 91 10.76 -2.70 0.97
CA PHE D 91 12.13 -2.69 1.48
C PHE D 91 12.64 -4.05 1.95
N HIS D 92 11.76 -4.85 2.55
CA HIS D 92 12.15 -6.17 3.07
C HIS D 92 12.99 -6.95 2.07
N GLY D 93 12.54 -6.94 0.81
CA GLY D 93 13.25 -7.59 -0.30
C GLY D 93 14.29 -6.73 -0.98
N ILE D 94 13.94 -5.48 -1.27
CA ILE D 94 14.87 -4.50 -1.86
C ILE D 94 16.20 -4.46 -1.09
N ALA D 95 16.13 -4.56 0.23
CA ALA D 95 17.32 -4.61 1.07
C ALA D 95 18.13 -5.87 0.84
N GLN D 96 17.45 -7.01 0.72
CA GLN D 96 18.10 -8.28 0.44
C GLN D 96 18.69 -8.31 -0.96
N ALA D 97 17.92 -7.84 -1.93
CA ALA D 97 18.39 -7.64 -3.30
C ALA D 97 19.69 -6.84 -3.37
N LEU D 98 19.79 -5.80 -2.54
CA LEU D 98 21.00 -4.97 -2.46
C LEU D 98 22.26 -5.70 -1.94
N GLN D 99 22.13 -6.90 -1.39
CA GLN D 99 23.29 -7.72 -0.94
C GLN D 99 23.88 -8.65 -2.04
N PRO D 100 25.23 -8.74 -2.13
CA PRO D 100 25.89 -9.75 -2.98
C PRO D 100 26.22 -11.04 -2.22
N GLY G 8 34.97 0.03 5.28
CA GLY G 8 35.12 1.38 4.65
C GLY G 8 34.35 1.53 3.35
N GLN G 9 34.40 2.74 2.80
CA GLN G 9 33.78 3.09 1.51
C GLN G 9 32.24 2.91 1.47
N ILE G 10 31.61 2.83 2.63
CA ILE G 10 30.23 2.38 2.74
C ILE G 10 29.38 3.43 3.46
N GLN G 11 28.20 3.69 2.91
CA GLN G 11 27.27 4.69 3.45
C GLN G 11 26.52 4.08 4.65
N LEU G 12 26.14 4.89 5.63
CA LEU G 12 25.44 4.38 6.83
C LEU G 12 24.07 3.76 6.50
N TRP G 13 23.32 4.39 5.60
CA TRP G 13 22.00 3.88 5.21
C TRP G 13 22.05 2.49 4.56
N GLN G 14 23.18 2.18 3.92
CA GLN G 14 23.41 0.84 3.35
C GLN G 14 23.85 -0.17 4.37
N PHE G 15 24.60 0.27 5.38
CA PHE G 15 24.96 -0.59 6.51
C PHE G 15 23.73 -1.02 7.31
N LEU G 16 22.80 -0.09 7.51
CA LEU G 16 21.57 -0.41 8.22
C LEU G 16 20.71 -1.39 7.42
N LEU G 17 20.50 -1.12 6.13
CA LEU G 17 19.83 -2.09 5.25
C LEU G 17 20.49 -3.46 5.25
N GLU G 18 21.82 -3.47 5.28
CA GLU G 18 22.60 -4.71 5.33
C GLU G 18 22.34 -5.50 6.60
N LEU G 19 22.23 -4.80 7.73
CA LEU G 19 21.88 -5.45 8.98
C LEU G 19 20.41 -5.91 8.98
N LEU G 20 19.53 -5.04 8.50
CA LEU G 20 18.10 -5.33 8.40
C LEU G 20 17.76 -6.49 7.47
N SER G 21 18.55 -6.67 6.42
CA SER G 21 18.30 -7.72 5.43
C SER G 21 18.57 -9.13 5.94
N ASP G 22 19.20 -9.25 7.10
CA ASP G 22 19.41 -10.52 7.79
C ASP G 22 18.64 -10.47 9.10
N SER G 23 17.65 -11.35 9.25
CA SER G 23 16.79 -11.38 10.43
C SER G 23 17.47 -11.89 11.72
N ALA G 24 18.65 -12.53 11.58
CA ALA G 24 19.49 -12.90 12.74
C ALA G 24 19.92 -11.71 13.61
N ASN G 25 20.00 -10.52 13.00
CA ASN G 25 20.36 -9.30 13.71
C ASN G 25 19.19 -8.58 14.37
N ALA G 26 18.03 -9.22 14.45
CA ALA G 26 16.87 -8.67 15.18
C ALA G 26 17.16 -8.31 16.64
N SER G 27 18.16 -8.97 17.25
CA SER G 27 18.64 -8.65 18.59
C SER G 27 19.11 -7.20 18.77
N CYS G 28 19.55 -6.57 17.68
CA CYS G 28 19.94 -5.15 17.73
C CYS G 28 19.20 -4.22 16.75
N ILE G 29 18.59 -4.76 15.70
CA ILE G 29 17.88 -3.91 14.72
C ILE G 29 16.87 -4.75 13.96
N THR G 30 15.72 -4.16 13.62
CA THR G 30 14.65 -4.93 12.98
C THR G 30 13.58 -4.10 12.26
N TRP G 31 13.04 -4.68 11.19
CA TRP G 31 11.91 -4.07 10.47
C TRP G 31 10.69 -4.10 11.37
N GLU G 32 9.94 -3.00 11.37
CA GLU G 32 8.84 -2.85 12.30
C GLU G 32 7.96 -1.67 11.93
N GLY G 33 6.69 -1.96 11.65
CA GLY G 33 5.71 -0.92 11.33
C GLY G 33 5.42 -0.93 9.85
N THR G 34 5.07 0.24 9.30
CA THR G 34 4.73 0.35 7.89
C THR G 34 5.98 0.22 7.02
N ASN G 35 5.76 0.14 5.71
CA ASN G 35 6.83 -0.10 4.77
C ASN G 35 7.94 0.94 4.97
N GLY G 36 9.17 0.44 5.18
CA GLY G 36 10.33 1.29 5.41
C GLY G 36 10.70 1.56 6.86
N GLU G 37 9.77 1.36 7.79
CA GLU G 37 10.01 1.65 9.21
C GLU G 37 10.78 0.54 9.88
N PHE G 38 11.82 0.92 10.62
CA PHE G 38 12.60 -0.01 11.45
C PHE G 38 12.93 0.59 12.82
N LYS G 39 13.35 -0.25 13.77
CA LYS G 39 13.91 0.25 15.02
C LYS G 39 15.09 -0.54 15.54
N MET G 40 16.01 0.18 16.17
CA MET G 40 17.20 -0.38 16.74
C MET G 40 16.86 -0.89 18.12
N THR G 41 16.55 -2.16 18.21
CA THR G 41 16.25 -2.79 19.49
C THR G 41 17.43 -2.83 20.47
N ASP G 42 18.66 -2.62 20.00
CA ASP G 42 19.80 -2.39 20.89
C ASP G 42 20.71 -1.33 20.25
N PRO G 43 20.41 -0.03 20.51
CA PRO G 43 21.17 1.04 19.85
C PRO G 43 22.69 1.02 20.13
N ASP G 44 23.09 0.66 21.34
CA ASP G 44 24.51 0.44 21.66
C ASP G 44 25.20 -0.50 20.68
N GLU G 45 24.62 -1.67 20.50
CA GLU G 45 25.20 -2.67 19.60
C GLU G 45 25.23 -2.19 18.14
N VAL G 46 24.17 -1.50 17.70
CA VAL G 46 24.10 -0.96 16.35
C VAL G 46 25.23 0.03 16.11
N ALA G 47 25.45 0.92 17.07
CA ALA G 47 26.58 1.84 17.02
C ALA G 47 27.92 1.13 17.06
N ARG G 48 28.05 0.13 17.92
CA ARG G 48 29.29 -0.61 18.04
C ARG G 48 29.74 -1.13 16.68
N ARG G 49 28.85 -1.85 16.02
CA ARG G 49 29.15 -2.46 14.72
C ARG G 49 29.39 -1.47 13.60
N TRP G 50 28.72 -0.32 13.66
CA TRP G 50 28.93 0.75 12.69
C TRP G 50 30.30 1.40 12.85
N GLY G 51 30.80 1.43 14.08
CA GLY G 51 32.18 1.85 14.35
C GLY G 51 33.18 0.81 13.88
N GLU G 52 32.91 -0.46 14.21
CA GLU G 52 33.74 -1.59 13.82
C GLU G 52 33.90 -1.74 12.30
N ARG G 53 32.86 -1.33 11.55
CA ARG G 53 32.91 -1.29 10.09
C ARG G 53 33.86 -0.22 9.57
N LYS G 54 33.80 0.98 10.15
CA LYS G 54 34.56 2.15 9.66
C LYS G 54 35.89 2.42 10.40
N SER G 55 36.38 1.42 11.16
CA SER G 55 37.58 1.57 11.99
C SER G 55 37.51 2.82 12.87
N LYS G 56 36.43 2.89 13.63
CA LYS G 56 36.06 4.09 14.39
C LYS G 56 35.54 3.66 15.79
N PRO G 57 36.47 3.36 16.72
CA PRO G 57 36.12 2.64 17.95
C PRO G 57 35.40 3.45 19.02
N ASN G 58 35.36 4.77 18.86
CA ASN G 58 34.63 5.66 19.75
C ASN G 58 33.26 6.05 19.18
N MET G 59 32.66 5.18 18.38
CA MET G 59 31.32 5.41 17.90
C MET G 59 30.33 4.99 18.99
N ASN G 60 29.29 5.80 19.15
CA ASN G 60 28.19 5.52 20.08
C ASN G 60 26.88 6.00 19.45
N TYR G 61 25.76 5.65 20.06
CA TYR G 61 24.44 6.01 19.51
C TYR G 61 24.25 7.53 19.26
N ASP G 62 24.86 8.36 20.12
CA ASP G 62 24.76 9.84 20.00
C ASP G 62 25.27 10.37 18.66
N LYS G 63 26.44 9.90 18.25
CA LYS G 63 27.02 10.29 16.97
C LYS G 63 26.31 9.63 15.80
N LEU G 64 26.03 8.32 15.92
CA LEU G 64 25.28 7.57 14.92
C LEU G 64 23.96 8.26 14.58
N SER G 65 23.24 8.65 15.63
CA SER G 65 21.96 9.32 15.45
C SER G 65 22.08 10.68 14.73
N ARG G 66 23.11 11.46 15.04
CA ARG G 66 23.35 12.72 14.32
C ARG G 66 23.48 12.44 12.84
N ALA G 67 24.22 11.39 12.51
CA ALA G 67 24.38 10.94 11.13
C ALA G 67 23.03 10.71 10.46
N LEU G 68 22.12 10.04 11.16
CA LEU G 68 20.78 9.83 10.66
C LEU G 68 20.03 11.16 10.51
N ARG G 69 20.06 11.98 11.54
CA ARG G 69 19.42 13.30 11.47
C ARG G 69 19.83 14.06 10.20
N TYR G 70 21.10 14.01 9.83
CA TYR G 70 21.57 14.66 8.59
C TYR G 70 20.87 14.12 7.32
N TYR G 71 20.37 12.88 7.38
CA TYR G 71 19.51 12.35 6.30
C TYR G 71 18.12 12.99 6.17
N TYR G 72 17.71 13.84 7.10
CA TYR G 72 16.36 14.43 7.04
C TYR G 72 16.21 15.39 5.87
N ASP G 73 17.13 16.36 5.80
CA ASP G 73 17.20 17.31 4.66
C ASP G 73 17.50 16.62 3.32
N LYS G 74 18.24 15.52 3.38
CA LYS G 74 18.56 14.70 2.20
C LYS G 74 17.44 13.75 1.75
N ASN G 75 16.36 13.68 2.53
CA ASN G 75 15.22 12.79 2.25
C ASN G 75 15.59 11.30 2.12
N ILE G 76 16.64 10.89 2.82
CA ILE G 76 17.06 9.50 2.84
C ILE G 76 16.26 8.74 3.88
N MET G 77 16.02 9.38 5.03
CA MET G 77 15.07 8.86 6.03
C MET G 77 14.45 9.95 6.92
N THR G 78 13.47 9.51 7.71
CA THR G 78 12.68 10.39 8.56
C THR G 78 12.44 9.68 9.90
N LYS G 79 12.13 10.44 10.94
CA LYS G 79 11.80 9.84 12.26
C LYS G 79 10.36 9.36 12.32
N VAL G 80 10.17 8.20 12.94
CA VAL G 80 8.85 7.73 13.32
C VAL G 80 8.55 8.45 14.63
N HIS G 81 7.56 9.34 14.63
CA HIS G 81 7.24 10.14 15.82
C HIS G 81 6.51 9.23 16.81
N GLY G 82 6.96 9.21 18.05
CA GLY G 82 6.36 8.38 19.09
C GLY G 82 7.21 7.18 19.44
N LYS G 83 7.43 6.29 18.48
CA LYS G 83 8.19 5.04 18.73
C LYS G 83 9.66 5.41 18.77
N ARG G 84 10.42 4.76 19.63
CA ARG G 84 11.79 5.23 19.92
C ARG G 84 12.88 4.32 19.43
N TYR G 85 14.02 4.94 19.14
CA TYR G 85 15.11 4.35 18.34
C TYR G 85 14.64 3.95 16.94
N ALA G 86 13.56 4.58 16.48
CA ALA G 86 12.78 4.10 15.35
C ALA G 86 12.73 5.12 14.25
N TYR G 87 13.21 4.72 13.06
CA TYR G 87 13.29 5.58 11.89
C TYR G 87 12.67 4.89 10.67
N LYS G 88 12.42 5.67 9.62
CA LYS G 88 11.74 5.21 8.40
C LYS G 88 12.55 5.60 7.18
N PHE G 89 13.07 4.60 6.45
CA PHE G 89 13.67 4.83 5.13
C PHE G 89 12.68 5.50 4.19
N ASP G 90 13.18 6.42 3.38
CA ASP G 90 12.39 7.17 2.41
C ASP G 90 12.88 6.84 0.99
N PHE G 91 12.02 6.19 0.20
CA PHE G 91 12.38 5.75 -1.15
C PHE G 91 12.81 6.90 -2.07
N HIS G 92 12.24 8.08 -1.91
CA HIS G 92 12.60 9.24 -2.75
C HIS G 92 14.11 9.47 -2.78
N GLY G 93 14.68 9.67 -1.59
CA GLY G 93 16.12 9.89 -1.44
C GLY G 93 16.93 8.64 -1.72
N ILE G 94 16.42 7.50 -1.27
CA ILE G 94 17.06 6.20 -1.54
C ILE G 94 17.18 5.99 -3.05
N ALA G 95 16.09 6.19 -3.79
CA ALA G 95 16.09 6.05 -5.26
C ALA G 95 17.18 6.88 -5.91
N GLN G 96 17.30 8.14 -5.49
CA GLN G 96 18.34 9.04 -6.02
C GLN G 96 19.75 8.61 -5.63
N ALA G 97 19.91 8.09 -4.41
CA ALA G 97 21.22 7.67 -3.90
C ALA G 97 21.84 6.42 -4.55
N LEU G 98 21.09 5.68 -5.37
CA LEU G 98 21.68 4.58 -6.16
C LEU G 98 22.20 5.04 -7.53
N GLN G 99 21.98 6.31 -7.90
CA GLN G 99 22.49 6.87 -9.19
C GLN G 99 23.93 7.43 -9.06
N PRO G 100 24.77 7.27 -10.12
CA PRO G 100 26.11 7.87 -10.12
C PRO G 100 26.15 9.35 -10.53
#